data_7JV0
#
_entry.id   7JV0
#
_cell.length_a   137.660
_cell.length_b   137.660
_cell.length_c   220.890
_cell.angle_alpha   90.00
_cell.angle_beta   90.00
_cell.angle_gamma   120.00
#
_symmetry.space_group_name_H-M   'P 61 2 2'
#
loop_
_entity.id
_entity.type
_entity.pdbx_description
1 polymer 'Kinase suppressor of Ras 1'
2 polymer 'Dual specificity mitogen-activated protein kinase kinase 1'
3 non-polymer 'PHOSPHOAMINOPHOSPHONIC ACID-ADENYLATE ESTER'
4 non-polymer 'MAGNESIUM ION'
5 non-polymer N-{[(2R)-2,3-dihydroxypropyl]oxy}-3,4-difluoro-2-[(2-fluoro-4-iodophenyl)amino]benzamide
#
loop_
_entity_poly.entity_id
_entity_poly.type
_entity_poly.pdbx_seq_one_letter_code
_entity_poly.pdbx_strand_id
1 'polypeptide(L)'
;MSYYHHHHHHDYDIPTTENLYFQGAPISRKASQTSVYLQEWDIPFEQVELGEPIGQGRWGRVHRGRWHGEVAIRLLEMDG
HNQDHLKLFKKEVMNYRQTRHENVVLFMGACMNPPHLAIITSFCKGRTLHSFVRDPKTSLDINKTRQIAQEIIKGMGYLH
AKGIVHKDLKSKNVFYDNGKVVITDFGLFGISGVVREGRRENQLKLSHDWLCYLAPEIVREMTPGKDEDQLPFSKAADVY
AFGTVWYELQARDWPLKNQAAEASIWQIGSGEGMKRVLTSVSLGKEVSEILSACWAFDLQERPSFSLLMDMLEKLPKLNR
RLSHPGHFWKSAEI
;
A
2 'polypeptide(L)'
;MSYYHHHHHHDYDIPTTENLYFQGAKKLEELELDEQQRKRLEAFLTQKQKVGELKDDDFEKISELGAGNGGVVFKVSHKP
SGLVMARKLIHLEIKPAIRNQIIRELQVLHECNSPYIVGFYGAFYSDGEISICMEHMDGGSLDQVLKKAGRIPEQILGKV
SIAVIKGLTYLREKHKIMHRDVKPSNILVNSRGEIKLCDFGVSGQLIDSMANSFVGTRSYMSPERLQGTHYSVQSDIWSM
GLSLVEMAVGRYPIPPPDAKELELMFGCQVEGDAAETPPRPRTPGRPLSSYGMDSRPPMAIFELLDYIVNEPPPKLPSAV
FSLEFQDFVNKCLIKNPAERADLKQLMVHAFIKRSDAEEVDFAGWLCSTIGLNQPSTPTHAAGV
;
C
#
# COMPACT_ATOMS: atom_id res chain seq x y z
N VAL A 36 29.18 -8.39 21.80
CA VAL A 36 29.01 -7.21 22.63
C VAL A 36 28.27 -7.54 23.93
N TYR A 37 28.99 -7.51 25.03
CA TYR A 37 28.46 -7.77 26.36
C TYR A 37 28.15 -6.49 27.11
N LEU A 38 28.17 -5.35 26.41
CA LEU A 38 27.87 -4.01 26.93
C LEU A 38 28.87 -3.56 27.99
N GLN A 39 29.65 -4.47 28.55
CA GLN A 39 30.78 -4.03 29.36
C GLN A 39 31.94 -3.55 28.50
N GLU A 40 31.83 -3.66 27.18
CA GLU A 40 32.85 -3.21 26.24
C GLU A 40 32.67 -1.74 25.84
N TRP A 41 31.75 -1.03 26.48
CA TRP A 41 31.44 0.34 26.12
C TRP A 41 31.88 1.32 27.20
N ASP A 42 32.16 2.55 26.79
CA ASP A 42 32.71 3.54 27.69
C ASP A 42 31.69 4.04 28.71
N ILE A 43 30.41 3.76 28.51
CA ILE A 43 29.42 4.17 29.50
C ILE A 43 29.46 3.13 30.61
N PRO A 44 29.79 3.51 31.84
CA PRO A 44 29.75 2.55 32.94
C PRO A 44 28.36 1.98 33.15
N PHE A 45 28.28 0.66 33.26
CA PHE A 45 26.99 -0.03 33.28
C PHE A 45 26.98 -1.06 34.39
N GLU A 46 26.02 -0.92 35.30
CA GLU A 46 25.71 -1.94 36.30
C GLU A 46 24.45 -2.72 35.95
N GLN A 47 23.39 -2.01 35.56
CA GLN A 47 22.06 -2.56 35.34
C GLN A 47 21.21 -1.53 34.60
N VAL A 48 20.40 -2.00 33.65
CA VAL A 48 19.38 -1.17 33.01
C VAL A 48 18.05 -1.91 33.04
N GLU A 49 16.98 -1.19 33.33
CA GLU A 49 15.68 -1.78 33.57
C GLU A 49 14.73 -1.39 32.45
N LEU A 50 13.99 -2.37 31.93
CA LEU A 50 12.96 -2.10 30.94
C LEU A 50 11.77 -1.37 31.55
N GLY A 51 11.24 -0.41 30.80
CA GLY A 51 9.99 0.24 31.10
C GLY A 51 8.93 -0.04 30.06
N GLU A 52 7.93 0.85 30.01
CA GLU A 52 6.78 0.61 29.14
C GLU A 52 7.20 0.65 27.67
N PRO A 53 6.55 -0.14 26.82
CA PRO A 53 6.83 -0.05 25.39
C PRO A 53 6.29 1.26 24.83
N ILE A 54 6.90 1.72 23.74
CA ILE A 54 6.46 2.97 23.11
C ILE A 54 6.49 2.87 21.59
N GLY A 55 6.02 1.75 21.05
CA GLY A 55 5.87 1.63 19.60
C GLY A 55 6.61 0.47 18.98
N GLN A 56 5.96 -0.20 18.03
CA GLN A 56 6.57 -1.25 17.23
C GLN A 56 6.87 -0.76 15.82
N GLY A 57 7.56 -1.61 15.07
CA GLY A 57 7.95 -1.28 13.70
C GLY A 57 8.68 -2.45 13.09
N ARG A 58 9.17 -2.21 11.86
CA ARG A 58 9.88 -3.27 11.14
C ARG A 58 11.12 -3.72 11.88
N TRP A 59 11.69 -2.90 12.75
CA TRP A 59 12.94 -3.20 13.42
C TRP A 59 12.66 -3.27 14.91
N GLY A 60 12.20 -4.43 15.35
CA GLY A 60 11.91 -4.70 16.74
C GLY A 60 10.99 -3.73 17.44
N ARG A 61 10.96 -3.84 18.77
CA ARG A 61 10.10 -3.06 19.63
C ARG A 61 10.97 -2.15 20.49
N VAL A 62 10.54 -0.91 20.65
CA VAL A 62 11.31 0.11 21.34
C VAL A 62 10.66 0.34 22.69
N HIS A 63 11.40 0.10 23.75
CA HIS A 63 10.94 0.35 25.10
C HIS A 63 11.64 1.58 25.69
N ARG A 64 10.97 2.17 26.67
CA ARG A 64 11.53 3.17 27.53
C ARG A 64 12.21 2.46 28.68
N GLY A 65 13.27 3.06 29.21
CA GLY A 65 14.07 2.37 30.21
C GLY A 65 14.83 3.39 31.00
N ARG A 66 15.35 2.95 32.14
CA ARG A 66 16.22 3.77 32.97
C ARG A 66 17.62 3.19 32.96
N TRP A 67 18.59 3.99 32.55
CA TRP A 67 19.97 3.64 32.76
C TRP A 67 20.20 3.88 34.24
N HIS A 68 21.64 8.34 36.93
CA HIS A 68 20.41 7.67 36.57
C HIS A 68 19.69 8.55 35.57
N GLY A 69 19.41 7.99 34.40
CA GLY A 69 18.63 8.67 33.40
C GLY A 69 17.82 7.68 32.57
N GLU A 70 16.80 8.22 31.91
CA GLU A 70 15.98 7.40 31.04
C GLU A 70 16.61 7.29 29.67
N VAL A 71 16.36 6.14 29.02
CA VAL A 71 16.94 5.77 27.74
C VAL A 71 15.89 4.99 26.96
N ALA A 72 16.15 4.81 25.68
CA ALA A 72 15.27 4.05 24.80
C ALA A 72 16.02 2.80 24.36
N ILE A 73 15.34 1.67 24.45
CA ILE A 73 15.92 0.35 24.25
C ILE A 73 15.16 -0.34 23.14
N ARG A 74 15.87 -0.67 22.07
CA ARG A 74 15.29 -1.32 20.90
C ARG A 74 15.69 -2.78 20.93
N LEU A 75 14.70 -3.67 20.96
CA LEU A 75 14.92 -5.10 21.02
C LEU A 75 14.79 -5.68 19.61
N LEU A 76 15.85 -6.31 19.13
CA LEU A 76 15.88 -6.92 17.80
C LEU A 76 16.09 -8.43 17.93
N GLU A 77 15.70 -9.14 16.88
CA GLU A 77 15.98 -10.57 16.77
C GLU A 77 16.47 -10.88 15.36
N MET A 78 17.51 -11.71 15.28
CA MET A 78 18.16 -12.05 14.02
C MET A 78 17.65 -13.42 13.58
N ASP A 79 16.71 -13.42 12.63
CA ASP A 79 16.30 -14.67 12.00
C ASP A 79 17.50 -15.30 11.30
N GLY A 80 18.13 -14.54 10.40
CA GLY A 80 19.26 -14.98 9.58
C GLY A 80 20.16 -15.99 10.24
N HIS A 81 20.59 -15.71 11.47
CA HIS A 81 21.33 -16.65 12.32
C HIS A 81 22.65 -17.03 11.66
N ASN A 82 23.07 -16.20 10.71
CA ASN A 82 24.22 -16.44 9.85
C ASN A 82 25.36 -15.54 10.32
N GLN A 83 26.54 -16.12 10.48
CA GLN A 83 27.66 -15.41 11.11
C GLN A 83 27.92 -14.07 10.45
N ASP A 84 27.70 -13.97 9.14
CA ASP A 84 27.97 -12.72 8.43
C ASP A 84 27.08 -11.58 8.92
N HIS A 85 25.79 -11.86 9.15
CA HIS A 85 24.89 -10.80 9.59
C HIS A 85 25.36 -10.19 10.92
N LEU A 86 25.79 -11.04 11.86
CA LEU A 86 26.29 -10.55 13.14
C LEU A 86 27.65 -9.87 12.99
N LYS A 87 28.47 -10.33 12.03
CA LYS A 87 29.74 -9.66 11.76
C LYS A 87 29.50 -8.22 11.29
N LEU A 88 28.56 -8.02 10.37
CA LEU A 88 28.27 -6.68 9.88
C LEU A 88 27.58 -5.84 10.94
N PHE A 89 26.68 -6.47 11.71
CA PHE A 89 26.12 -5.81 12.89
C PHE A 89 27.22 -5.31 13.81
N LYS A 90 28.15 -6.19 14.19
CA LYS A 90 29.27 -5.77 15.04
C LYS A 90 30.00 -4.59 14.44
N LYS A 91 30.18 -4.60 13.11
CA LYS A 91 30.86 -3.49 12.44
C LYS A 91 30.12 -2.18 12.64
N GLU A 92 28.82 -2.16 12.31
CA GLU A 92 28.03 -0.93 12.46
C GLU A 92 27.96 -0.44 13.91
N VAL A 93 27.76 -1.36 14.88
CA VAL A 93 27.58 -0.88 16.26
C VAL A 93 28.89 -0.35 16.82
N MET A 94 30.04 -0.89 16.39
CA MET A 94 31.31 -0.32 16.82
C MET A 94 31.52 1.05 16.21
N ASN A 95 31.10 1.24 14.95
CA ASN A 95 31.22 2.55 14.32
C ASN A 95 30.37 3.59 15.05
N TYR A 96 29.19 3.21 15.51
CA TYR A 96 28.32 4.17 16.19
C TYR A 96 28.87 4.56 17.55
N ARG A 97 29.72 3.71 18.13
CA ARG A 97 30.41 4.05 19.36
C ARG A 97 31.21 5.34 19.17
N GLN A 98 31.75 5.56 17.97
CA GLN A 98 32.64 6.68 17.73
C GLN A 98 31.93 8.02 17.57
N THR A 99 30.60 8.06 17.73
CA THR A 99 29.83 9.26 17.41
C THR A 99 29.46 10.01 18.68
N ARG A 100 29.51 11.34 18.61
CA ARG A 100 28.99 12.19 19.67
C ARG A 100 28.85 13.60 19.13
N HIS A 101 27.64 14.15 19.20
CA HIS A 101 27.32 15.43 18.57
C HIS A 101 25.96 15.88 19.09
N GLU A 102 25.83 17.19 19.36
CA GLU A 102 24.64 17.68 20.04
C GLU A 102 23.37 17.62 19.21
N ASN A 103 23.48 17.30 17.92
CA ASN A 103 22.29 17.17 17.08
C ASN A 103 22.00 15.72 16.69
N VAL A 104 22.91 14.80 16.99
CA VAL A 104 22.71 13.37 16.81
C VAL A 104 22.39 12.76 18.18
N VAL A 105 21.36 11.91 18.23
CA VAL A 105 21.07 11.17 19.46
C VAL A 105 22.31 10.41 19.91
N LEU A 106 22.54 10.39 21.21
CA LEU A 106 23.71 9.70 21.74
C LEU A 106 23.51 8.20 21.67
N PHE A 107 24.37 7.53 20.92
CA PHE A 107 24.46 6.07 20.96
C PHE A 107 25.22 5.70 22.23
N MET A 108 24.64 4.80 23.04
CA MET A 108 25.23 4.45 24.32
C MET A 108 25.80 3.04 24.33
N GLY A 109 24.97 2.03 24.08
CA GLY A 109 25.44 0.67 24.11
C GLY A 109 24.69 -0.21 23.14
N ALA A 110 25.24 -1.41 22.97
CA ALA A 110 24.55 -2.48 22.28
C ALA A 110 25.05 -3.78 22.86
N CYS A 111 24.14 -4.71 23.12
CA CYS A 111 24.53 -6.04 23.53
C CYS A 111 23.86 -7.06 22.64
N MET A 112 24.57 -8.15 22.40
CA MET A 112 24.10 -9.21 21.50
C MET A 112 24.31 -10.56 22.18
N ASN A 113 23.21 -11.13 22.65
CA ASN A 113 23.13 -12.52 23.06
C ASN A 113 22.31 -13.22 21.98
N PRO A 114 22.94 -13.58 20.86
CA PRO A 114 22.21 -14.03 19.67
C PRO A 114 21.31 -15.21 19.96
N PRO A 115 20.08 -15.22 19.39
CA PRO A 115 19.57 -14.30 18.37
C PRO A 115 19.05 -12.96 18.90
N HIS A 116 19.08 -12.76 20.21
CA HIS A 116 18.48 -11.58 20.81
C HIS A 116 19.49 -10.44 20.88
N LEU A 117 19.07 -9.25 20.46
CA LEU A 117 19.94 -8.09 20.43
C LEU A 117 19.17 -6.89 20.98
N ALA A 118 19.92 -5.90 21.41
CA ALA A 118 19.33 -4.70 22.00
C ALA A 118 20.24 -3.52 21.69
N ILE A 119 19.61 -2.40 21.34
CA ILE A 119 20.33 -1.16 21.05
C ILE A 119 19.79 -0.09 21.99
N ILE A 120 20.68 0.53 22.75
CA ILE A 120 20.31 1.47 23.80
C ILE A 120 20.82 2.85 23.40
N THR A 121 19.91 3.81 23.31
CA THR A 121 20.24 5.19 23.00
C THR A 121 19.58 6.11 24.02
N SER A 122 20.00 7.37 24.00
CA SER A 122 19.48 8.33 24.96
C SER A 122 18.01 8.60 24.67
N PHE A 123 17.21 8.74 25.73
CA PHE A 123 15.79 9.00 25.56
C PHE A 123 15.59 10.49 25.27
N CYS A 124 14.77 10.78 24.27
CA CYS A 124 14.49 12.15 23.87
C CYS A 124 13.19 12.62 24.51
N LYS A 125 13.29 13.57 25.43
CA LYS A 125 12.09 14.24 25.90
C LYS A 125 11.59 15.17 24.81
N GLY A 126 10.33 15.56 24.89
CA GLY A 126 9.80 16.43 23.87
C GLY A 126 9.07 15.66 22.79
N ARG A 127 8.67 16.40 21.76
CA ARG A 127 7.74 15.94 20.74
C ARG A 127 8.51 15.66 19.46
N THR A 128 8.04 14.69 18.69
CA THR A 128 8.61 14.46 17.37
C THR A 128 8.33 15.68 16.51
N LEU A 129 9.31 16.06 15.68
CA LEU A 129 9.09 17.15 14.74
C LEU A 129 7.84 16.93 13.90
N HIS A 130 7.51 15.66 13.60
CA HIS A 130 6.32 15.34 12.84
C HIS A 130 5.07 15.88 13.51
N SER A 131 4.82 15.45 14.75
CA SER A 131 3.67 15.93 15.50
C SER A 131 3.79 17.41 15.85
N PHE A 132 4.98 17.99 15.74
CA PHE A 132 5.19 19.37 16.19
C PHE A 132 4.73 20.39 15.15
N VAL A 133 5.03 20.16 13.87
CA VAL A 133 4.53 21.08 12.83
C VAL A 133 3.03 20.94 12.63
N ARG A 134 2.47 19.77 12.93
CA ARG A 134 1.05 19.52 12.72
C ARG A 134 0.17 20.04 13.84
N ASP A 135 0.75 20.73 14.83
CA ASP A 135 -0.03 21.25 15.93
C ASP A 135 -0.70 22.55 15.50
N PRO A 136 -1.99 22.74 15.80
CA PRO A 136 -2.58 24.07 15.69
C PRO A 136 -1.75 25.16 16.39
N LYS A 137 -1.57 24.98 17.71
CA LYS A 137 -0.95 26.01 18.54
C LYS A 137 0.46 26.40 18.12
N THR A 138 1.15 25.57 17.33
CA THR A 138 2.55 25.84 17.03
C THR A 138 2.69 27.00 16.05
N SER A 139 3.72 27.82 16.26
CA SER A 139 3.95 29.04 15.48
C SER A 139 5.31 28.92 14.78
N LEU A 140 5.27 28.44 13.53
CA LEU A 140 6.42 28.44 12.65
C LEU A 140 6.52 29.74 11.85
N ASP A 141 7.75 30.09 11.48
CA ASP A 141 8.00 31.34 10.77
C ASP A 141 9.29 31.20 9.96
N ILE A 142 9.52 32.17 9.08
CA ILE A 142 10.63 32.19 8.13
C ILE A 142 11.98 31.99 8.82
N ASN A 143 12.02 32.27 10.13
CA ASN A 143 13.24 32.20 10.92
C ASN A 143 13.36 30.87 11.64
N LYS A 144 12.42 30.58 12.55
CA LYS A 144 12.36 29.29 13.23
C LYS A 144 12.61 28.10 12.31
N THR A 145 11.99 28.09 11.13
CA THR A 145 12.26 27.00 10.17
C THR A 145 13.73 26.93 9.80
N ARG A 146 14.34 28.06 9.44
CA ARG A 146 15.74 28.03 9.01
C ARG A 146 16.64 27.57 10.14
N GLN A 147 16.34 27.96 11.38
CA GLN A 147 17.15 27.55 12.52
C GLN A 147 17.10 26.05 12.72
N ILE A 148 15.88 25.50 12.82
CA ILE A 148 15.68 24.06 12.91
C ILE A 148 16.38 23.34 11.77
N ALA A 149 16.27 23.86 10.55
CA ALA A 149 16.91 23.22 9.40
C ALA A 149 18.43 23.19 9.54
N GLN A 150 19.03 24.27 10.07
CA GLN A 150 20.49 24.29 10.20
C GLN A 150 20.96 23.32 11.28
N GLU A 151 20.20 23.20 12.36
CA GLU A 151 20.47 22.18 13.36
C GLU A 151 20.55 20.79 12.73
N ILE A 152 19.49 20.40 12.02
CA ILE A 152 19.46 19.09 11.37
C ILE A 152 20.65 18.90 10.46
N ILE A 153 21.09 19.98 9.78
CA ILE A 153 22.17 19.85 8.82
C ILE A 153 23.50 19.60 9.54
N LYS A 154 23.73 20.29 10.66
CA LYS A 154 24.94 20.02 11.44
C LYS A 154 24.99 18.57 11.88
N GLY A 155 23.88 18.07 12.44
CA GLY A 155 23.83 16.65 12.79
C GLY A 155 24.13 15.76 11.62
N MET A 156 23.43 15.97 10.50
CA MET A 156 23.66 15.16 9.31
C MET A 156 25.08 15.35 8.79
N GLY A 157 25.60 16.58 8.86
CA GLY A 157 26.94 16.85 8.36
C GLY A 157 28.01 16.09 9.12
N TYR A 158 27.92 16.10 10.45
CA TYR A 158 28.75 15.21 11.26
C TYR A 158 28.64 13.77 10.78
N LEU A 159 27.43 13.20 10.83
CA LEU A 159 27.24 11.80 10.47
C LEU A 159 27.86 11.48 9.12
N HIS A 160 27.78 12.41 8.18
CA HIS A 160 28.32 12.13 6.85
C HIS A 160 29.85 12.16 6.86
N ALA A 161 30.42 13.11 7.61
CA ALA A 161 31.87 13.20 7.74
C ALA A 161 32.47 11.90 8.23
N LYS A 162 31.87 11.29 9.26
CA LYS A 162 32.29 9.97 9.72
C LYS A 162 31.81 8.85 8.83
N GLY A 163 31.21 9.16 7.68
CA GLY A 163 30.87 8.13 6.72
C GLY A 163 29.68 7.27 7.09
N ILE A 164 28.82 7.75 8.00
CA ILE A 164 27.59 7.03 8.34
C ILE A 164 26.45 7.66 7.55
N VAL A 165 25.73 6.82 6.82
CA VAL A 165 24.52 7.24 6.12
C VAL A 165 23.33 6.91 7.00
N HIS A 166 22.42 7.87 7.14
CA HIS A 166 21.26 7.68 8.00
C HIS A 166 20.37 6.56 7.48
N LYS A 167 19.97 6.63 6.21
CA LYS A 167 19.18 5.65 5.48
C LYS A 167 17.72 5.64 5.92
N ASP A 168 17.33 6.53 6.82
CA ASP A 168 15.95 6.61 7.30
C ASP A 168 15.68 7.96 7.95
N LEU A 169 16.27 9.02 7.42
CA LEU A 169 15.90 10.36 7.84
C LEU A 169 14.45 10.66 7.45
N LYS A 170 13.70 11.20 8.40
CA LYS A 170 12.30 11.55 8.21
C LYS A 170 11.86 12.35 9.43
N SER A 171 10.67 12.94 9.32
CA SER A 171 10.19 13.86 10.34
C SER A 171 9.96 13.16 11.69
N LYS A 172 9.49 11.91 11.67
CA LYS A 172 9.26 11.18 12.91
C LYS A 172 10.53 10.76 13.62
N ASN A 173 11.70 10.82 12.98
CA ASN A 173 12.96 10.49 13.63
C ASN A 173 13.81 11.73 13.89
N VAL A 174 13.17 12.87 14.15
CA VAL A 174 13.82 14.07 14.66
C VAL A 174 12.99 14.61 15.81
N PHE A 175 13.64 14.96 16.91
CA PHE A 175 12.96 15.36 18.12
C PHE A 175 13.24 16.81 18.47
N TYR A 176 12.22 17.50 18.98
CA TYR A 176 12.28 18.92 19.28
C TYR A 176 11.78 19.12 20.70
N ASP A 177 12.69 19.55 21.59
CA ASP A 177 12.36 19.83 22.98
C ASP A 177 12.90 21.22 23.30
N ASN A 178 11.99 22.18 23.47
CA ASN A 178 12.36 23.59 23.56
C ASN A 178 13.30 23.98 22.42
N GLY A 179 14.51 24.43 22.75
CA GLY A 179 15.44 24.86 21.72
C GLY A 179 16.05 23.75 20.88
N LYS A 180 16.19 22.55 21.44
CA LYS A 180 17.16 21.60 20.92
C LYS A 180 16.53 20.54 20.02
N VAL A 181 17.32 20.11 19.04
CA VAL A 181 16.88 19.27 17.91
C VAL A 181 17.79 18.06 17.84
N VAL A 182 17.21 16.86 17.82
CA VAL A 182 17.99 15.63 17.88
C VAL A 182 17.51 14.64 16.82
N ILE A 183 18.45 14.05 16.08
CA ILE A 183 18.15 13.04 15.06
C ILE A 183 18.25 11.67 15.72
N THR A 184 17.25 10.81 15.50
CA THR A 184 17.31 9.45 16.00
C THR A 184 17.42 8.42 14.89
N ASP A 185 17.49 7.14 15.29
CA ASP A 185 17.24 5.98 14.42
C ASP A 185 18.10 5.99 13.15
N PHE A 186 19.34 6.45 13.28
CA PHE A 186 20.24 6.47 12.13
C PHE A 186 21.01 5.15 12.00
N GLY A 187 21.47 4.88 10.78
CA GLY A 187 22.26 3.70 10.49
C GLY A 187 21.49 2.40 10.46
N LEU A 188 20.28 2.43 11.03
CA LEU A 188 19.62 1.21 11.47
C LEU A 188 19.16 0.33 10.32
N PHE A 189 19.02 0.89 9.12
CA PHE A 189 18.55 0.11 7.98
C PHE A 189 19.59 -0.87 7.46
N GLY A 190 20.84 -0.77 7.92
CA GLY A 190 21.91 -1.64 7.47
C GLY A 190 21.81 -3.06 7.98
N ILE A 191 20.95 -3.31 8.97
CA ILE A 191 20.94 -4.58 9.69
C ILE A 191 19.96 -5.53 9.01
N SER A 192 20.05 -6.82 9.35
CA SER A 192 19.35 -7.89 8.64
C SER A 192 18.62 -8.77 9.67
N GLY A 193 17.70 -8.14 10.40
CA GLY A 193 16.88 -8.81 11.38
C GLY A 193 15.49 -9.10 10.85
N VAL A 194 14.71 -9.82 11.67
CA VAL A 194 13.34 -10.13 11.32
C VAL A 194 12.59 -8.85 10.96
N VAL A 195 11.71 -8.95 9.97
CA VAL A 195 10.84 -7.84 9.60
C VAL A 195 9.38 -8.27 9.71
N GLU A 201 6.15 -11.64 3.23
CA GLU A 201 5.30 -12.40 2.33
C GLU A 201 5.80 -12.14 0.91
N ASN A 202 5.07 -12.61 -0.12
CA ASN A 202 5.32 -12.08 -1.47
C ASN A 202 4.30 -11.01 -1.87
N GLN A 203 4.23 -10.00 -1.04
CA GLN A 203 3.70 -8.69 -1.39
C GLN A 203 4.67 -7.66 -0.85
N LEU A 204 4.33 -6.38 -1.00
CA LEU A 204 5.08 -5.34 -0.32
C LEU A 204 4.07 -4.50 0.44
N LYS A 205 4.47 -3.91 1.56
CA LYS A 205 3.64 -2.93 2.25
C LYS A 205 4.46 -1.71 2.63
N LEU A 206 4.15 -0.56 2.03
CA LEU A 206 4.94 0.66 2.17
C LEU A 206 4.03 1.75 2.70
N SER A 207 4.37 2.27 3.88
CA SER A 207 3.63 3.37 4.46
C SER A 207 3.78 4.61 3.57
N HIS A 208 2.78 5.50 3.65
CA HIS A 208 2.83 6.68 2.81
C HIS A 208 3.85 7.68 3.34
N ASP A 209 3.88 7.90 4.65
CA ASP A 209 4.82 8.84 5.24
C ASP A 209 6.25 8.54 4.83
N TRP A 210 6.63 7.26 4.81
CA TRP A 210 7.99 6.89 4.41
C TRP A 210 8.25 7.20 2.94
N LEU A 211 7.38 6.72 2.05
CA LEU A 211 7.55 6.94 0.61
C LEU A 211 7.87 8.39 0.26
N CYS A 212 7.22 9.36 0.93
CA CYS A 212 7.46 10.75 0.59
C CYS A 212 8.92 11.15 0.76
N TYR A 213 9.63 10.51 1.70
CA TYR A 213 11.01 10.85 2.00
C TYR A 213 11.99 10.11 1.11
N LEU A 214 11.51 9.22 0.25
CA LEU A 214 12.37 8.35 -0.54
C LEU A 214 12.70 8.98 -1.89
N ALA A 215 13.96 8.89 -2.27
CA ALA A 215 14.42 9.43 -3.53
C ALA A 215 14.11 8.48 -4.70
N PRO A 216 14.09 9.01 -5.93
CA PRO A 216 13.69 8.16 -7.07
C PRO A 216 14.60 6.97 -7.30
N GLU A 217 15.92 7.14 -7.12
CA GLU A 217 16.84 6.01 -7.17
C GLU A 217 16.31 4.81 -6.41
N ILE A 218 15.71 5.04 -5.24
CA ILE A 218 15.31 3.94 -4.37
C ILE A 218 14.04 3.28 -4.88
N VAL A 219 12.99 4.08 -5.11
CA VAL A 219 11.68 3.48 -5.41
C VAL A 219 11.69 2.73 -6.74
N ARG A 220 12.63 3.01 -7.64
CA ARG A 220 12.68 2.22 -8.87
C ARG A 220 13.16 0.80 -8.60
N GLU A 221 13.99 0.62 -7.56
CA GLU A 221 14.53 -0.70 -7.24
C GLU A 221 13.62 -1.52 -6.34
N MET A 222 12.61 -0.88 -5.74
CA MET A 222 11.65 -1.61 -4.93
C MET A 222 10.85 -2.59 -5.76
N THR A 223 10.61 -3.77 -5.19
CA THR A 223 9.91 -4.88 -5.80
C THR A 223 9.80 -6.00 -4.77
N PRO A 224 8.69 -6.74 -4.76
CA PRO A 224 8.49 -7.77 -3.73
C PRO A 224 9.66 -8.75 -3.68
N GLY A 225 9.96 -9.22 -2.46
CA GLY A 225 11.08 -10.12 -2.25
C GLY A 225 12.43 -9.46 -2.19
N LYS A 226 12.50 -8.15 -2.35
CA LYS A 226 13.74 -7.38 -2.18
C LYS A 226 13.73 -6.76 -0.80
N ASP A 227 14.80 -6.99 -0.05
CA ASP A 227 14.91 -6.46 1.31
C ASP A 227 15.35 -4.99 1.27
N GLU A 228 15.05 -4.30 2.38
CA GLU A 228 15.49 -2.91 2.53
C GLU A 228 17.01 -2.78 2.46
N ASP A 229 17.75 -3.81 2.86
CA ASP A 229 19.20 -3.69 2.88
C ASP A 229 19.78 -3.59 1.47
N GLN A 230 19.08 -4.09 0.46
CA GLN A 230 19.57 -4.04 -0.92
C GLN A 230 19.27 -2.72 -1.62
N LEU A 231 18.51 -1.82 -1.00
CA LEU A 231 18.11 -0.59 -1.68
C LEU A 231 19.26 0.39 -1.72
N PRO A 232 19.26 1.31 -2.69
CA PRO A 232 20.42 2.21 -2.83
C PRO A 232 20.31 3.49 -2.01
N PHE A 233 20.33 3.33 -0.69
CA PHE A 233 20.51 4.49 0.18
C PHE A 233 21.90 5.08 -0.06
N SER A 234 22.07 6.33 0.37
CA SER A 234 23.29 7.06 0.06
C SER A 234 23.25 8.45 0.69
N LYS A 235 24.33 9.22 0.51
CA LYS A 235 24.35 10.57 1.05
C LYS A 235 23.38 11.44 0.27
N ALA A 236 23.30 11.25 -1.05
CA ALA A 236 22.35 12.00 -1.85
C ALA A 236 20.91 11.65 -1.47
N ALA A 237 20.61 10.36 -1.29
CA ALA A 237 19.28 9.97 -0.86
C ALA A 237 18.93 10.58 0.50
N ASP A 238 19.93 10.78 1.37
CA ASP A 238 19.69 11.45 2.64
C ASP A 238 19.35 12.92 2.45
N VAL A 239 20.05 13.61 1.54
CA VAL A 239 19.71 15.02 1.32
C VAL A 239 18.36 15.16 0.63
N TYR A 240 17.96 14.16 -0.17
CA TYR A 240 16.61 14.19 -0.74
C TYR A 240 15.58 14.10 0.37
N ALA A 241 15.79 13.21 1.34
CA ALA A 241 14.89 13.13 2.48
C ALA A 241 14.90 14.41 3.28
N PHE A 242 16.05 15.10 3.33
CA PHE A 242 16.08 16.44 3.91
C PHE A 242 15.21 17.38 3.09
N GLY A 243 15.16 17.20 1.78
CA GLY A 243 14.25 18.00 0.98
C GLY A 243 12.81 17.90 1.47
N THR A 244 12.33 16.67 1.70
CA THR A 244 10.97 16.48 2.19
C THR A 244 10.77 17.04 3.60
N VAL A 245 11.78 16.92 4.48
CA VAL A 245 11.61 17.50 5.82
C VAL A 245 11.46 19.01 5.73
N TRP A 246 12.20 19.63 4.79
CA TRP A 246 12.12 21.08 4.66
C TRP A 246 10.76 21.49 4.11
N TYR A 247 10.25 20.73 3.14
CA TYR A 247 8.89 20.98 2.66
C TYR A 247 7.90 20.88 3.82
N GLU A 248 8.07 19.87 4.68
CA GLU A 248 7.19 19.73 5.84
C GLU A 248 7.31 20.92 6.78
N LEU A 249 8.49 21.52 6.88
CA LEU A 249 8.64 22.74 7.67
C LEU A 249 7.85 23.90 7.08
N GLN A 250 7.74 23.95 5.75
CA GLN A 250 6.96 25.00 5.09
C GLN A 250 5.47 24.74 5.16
N ALA A 251 5.04 23.52 4.82
CA ALA A 251 3.63 23.24 4.56
C ALA A 251 2.94 22.45 5.65
N ARG A 252 3.67 21.97 6.67
CA ARG A 252 3.09 21.19 7.76
C ARG A 252 2.22 20.03 7.24
N ASP A 253 2.68 19.39 6.16
CA ASP A 253 2.01 18.22 5.64
C ASP A 253 2.93 17.51 4.65
N TRP A 254 2.51 16.31 4.24
CA TRP A 254 3.08 15.55 3.14
C TRP A 254 3.07 16.39 1.87
N PRO A 255 4.06 16.24 0.99
CA PRO A 255 3.94 16.86 -0.34
C PRO A 255 2.97 16.15 -1.27
N LEU A 256 2.60 14.91 -0.96
CA LEU A 256 1.63 14.16 -1.75
C LEU A 256 0.57 13.64 -0.80
N LYS A 257 -0.69 13.86 -1.14
CA LYS A 257 -1.77 13.47 -0.24
C LYS A 257 -1.88 11.95 -0.27
N ASN A 258 -2.33 11.38 0.84
CA ASN A 258 -2.39 9.92 0.96
C ASN A 258 -3.12 9.33 -0.23
N GLN A 259 -2.51 8.30 -0.81
CA GLN A 259 -2.98 7.70 -2.05
C GLN A 259 -2.37 6.31 -2.16
N ALA A 260 -2.79 5.58 -3.19
CA ALA A 260 -2.30 4.22 -3.37
C ALA A 260 -0.80 4.21 -3.60
N ALA A 261 -0.12 3.24 -3.00
CA ALA A 261 1.34 3.28 -2.98
C ALA A 261 1.90 3.16 -4.38
N GLU A 262 1.24 2.38 -5.25
CA GLU A 262 1.65 2.29 -6.64
C GLU A 262 1.65 3.67 -7.30
N ALA A 263 0.66 4.50 -6.99
CA ALA A 263 0.63 5.85 -7.53
C ALA A 263 1.85 6.63 -7.08
N SER A 264 2.10 6.63 -5.76
CA SER A 264 3.26 7.34 -5.22
C SER A 264 4.55 6.85 -5.86
N ILE A 265 4.70 5.53 -6.01
CA ILE A 265 5.91 4.97 -6.62
C ILE A 265 6.16 5.55 -8.00
N TRP A 266 5.15 5.58 -8.86
CA TRP A 266 5.36 6.17 -10.18
C TRP A 266 5.72 7.64 -10.06
N GLN A 267 4.97 8.40 -9.25
CA GLN A 267 5.20 9.84 -9.18
C GLN A 267 6.56 10.15 -8.58
N ILE A 268 7.02 9.35 -7.61
CA ILE A 268 8.31 9.61 -6.99
C ILE A 268 9.44 9.26 -7.96
N GLY A 269 9.38 8.06 -8.55
CA GLY A 269 10.47 7.60 -9.39
C GLY A 269 10.53 8.19 -10.78
N SER A 270 9.42 8.75 -11.26
CA SER A 270 9.46 9.49 -12.52
C SER A 270 10.00 10.91 -12.33
N GLY A 271 10.09 11.39 -11.10
CA GLY A 271 10.36 12.78 -10.83
C GLY A 271 9.22 13.70 -11.15
N GLU A 272 8.20 13.23 -11.87
CA GLU A 272 7.06 14.07 -12.22
C GLU A 272 6.39 14.62 -10.97
N GLY A 273 6.11 13.76 -9.99
CA GLY A 273 5.30 14.18 -8.85
C GLY A 273 5.93 15.32 -8.09
N MET A 274 7.26 15.33 -7.99
CA MET A 274 7.94 16.40 -7.26
C MET A 274 8.02 17.66 -8.10
N LYS A 275 8.09 17.52 -9.42
CA LYS A 275 8.03 18.68 -10.30
C LYS A 275 6.64 19.32 -10.26
N ARG A 276 5.59 18.49 -10.29
CA ARG A 276 4.23 19.00 -10.23
C ARG A 276 3.92 19.72 -8.92
N VAL A 277 4.38 19.18 -7.78
CA VAL A 277 4.13 19.81 -6.48
C VAL A 277 4.85 21.15 -6.39
N LEU A 278 6.07 21.24 -6.93
CA LEU A 278 6.77 22.51 -6.97
C LEU A 278 5.96 23.55 -7.75
N THR A 279 5.21 23.11 -8.76
CA THR A 279 4.33 24.02 -9.48
C THR A 279 3.17 24.50 -8.59
N SER A 280 2.57 23.59 -7.84
CA SER A 280 1.14 23.70 -7.51
C SER A 280 0.88 24.80 -6.50
N VAL A 281 1.70 24.89 -5.45
CA VAL A 281 1.61 26.01 -4.53
C VAL A 281 3.02 26.42 -4.18
N SER A 282 3.34 27.69 -4.39
CA SER A 282 4.71 28.14 -4.18
C SER A 282 4.84 28.92 -2.88
N LEU A 283 6.08 29.03 -2.42
CA LEU A 283 6.37 29.48 -1.06
C LEU A 283 7.22 30.74 -1.12
N GLY A 284 8.49 30.61 -1.50
CA GLY A 284 9.33 31.75 -1.82
C GLY A 284 10.50 31.26 -2.65
N LYS A 285 11.01 32.14 -3.51
CA LYS A 285 12.07 31.74 -4.44
C LYS A 285 13.27 31.18 -3.70
N GLU A 286 13.78 31.92 -2.70
CA GLU A 286 14.95 31.45 -1.98
C GLU A 286 14.63 30.17 -1.20
N VAL A 287 13.47 30.13 -0.54
CA VAL A 287 13.01 28.89 0.08
C VAL A 287 12.96 27.77 -0.95
N SER A 288 12.25 28.00 -2.06
CA SER A 288 12.06 26.96 -3.07
C SER A 288 13.36 26.54 -3.73
N GLU A 289 14.39 27.40 -3.71
CA GLU A 289 15.64 27.03 -4.36
C GLU A 289 16.31 25.84 -3.68
N ILE A 290 16.27 25.79 -2.35
CA ILE A 290 16.86 24.67 -1.64
C ILE A 290 16.04 23.40 -1.85
N LEU A 291 14.70 23.54 -1.87
CA LEU A 291 13.84 22.41 -2.16
C LEU A 291 14.14 21.81 -3.53
N SER A 292 14.22 22.66 -4.56
CA SER A 292 14.49 22.16 -5.91
C SER A 292 15.86 21.52 -6.00
N ALA A 293 16.84 22.04 -5.25
CA ALA A 293 18.18 21.47 -5.23
C ALA A 293 18.19 20.08 -4.60
N CYS A 294 17.54 19.94 -3.44
CA CYS A 294 17.55 18.66 -2.73
C CYS A 294 16.80 17.58 -3.50
N TRP A 295 15.67 17.92 -4.12
CA TRP A 295 14.86 16.92 -4.82
C TRP A 295 15.35 16.62 -6.23
N ALA A 296 16.47 17.20 -6.66
CA ALA A 296 16.99 17.04 -8.02
C ALA A 296 16.95 15.59 -8.47
N PHE A 297 16.38 15.35 -9.66
CA PHE A 297 16.15 13.99 -10.12
C PHE A 297 17.45 13.21 -10.24
N ASP A 298 18.46 13.79 -10.90
CA ASP A 298 19.76 13.16 -10.90
C ASP A 298 20.39 13.36 -9.53
N LEU A 299 20.72 12.25 -8.87
CA LEU A 299 21.25 12.29 -7.51
C LEU A 299 22.55 13.09 -7.42
N GLN A 300 23.39 12.98 -8.45
CA GLN A 300 24.69 13.64 -8.43
C GLN A 300 24.60 15.15 -8.43
N GLU A 301 23.45 15.72 -8.83
CA GLU A 301 23.29 17.17 -8.81
C GLU A 301 22.78 17.69 -7.47
N ARG A 302 22.62 16.82 -6.47
CA ARG A 302 22.11 17.24 -5.18
C ARG A 302 23.24 17.84 -4.34
N PRO A 303 22.96 18.86 -3.54
CA PRO A 303 24.02 19.50 -2.76
C PRO A 303 24.43 18.64 -1.57
N SER A 304 25.65 18.88 -1.10
CA SER A 304 26.14 18.34 0.15
C SER A 304 25.53 19.10 1.33
N PHE A 305 25.68 18.54 2.52
CA PHE A 305 25.08 19.17 3.70
C PHE A 305 25.88 20.40 4.12
N SER A 306 27.20 20.38 3.94
CA SER A 306 28.01 21.56 4.20
C SER A 306 27.57 22.73 3.33
N LEU A 307 27.38 22.49 2.04
CA LEU A 307 26.87 23.51 1.14
C LEU A 307 25.49 24.00 1.60
N LEU A 308 24.61 23.07 1.99
CA LEU A 308 23.26 23.42 2.40
C LEU A 308 23.25 24.37 3.59
N MET A 309 24.28 24.32 4.44
CA MET A 309 24.40 25.29 5.53
C MET A 309 24.50 26.71 4.98
N ASP A 310 25.34 26.92 3.96
CA ASP A 310 25.49 28.24 3.36
C ASP A 310 24.17 28.72 2.76
N MET A 311 23.56 27.90 1.89
CA MET A 311 22.27 28.27 1.29
C MET A 311 21.23 28.67 2.34
N LEU A 312 21.14 27.92 3.44
CA LEU A 312 20.19 28.28 4.48
C LEU A 312 20.59 29.56 5.20
N GLU A 313 21.88 29.92 5.16
CA GLU A 313 22.32 31.15 5.81
C GLU A 313 21.86 32.38 5.04
N LYS A 314 22.11 32.42 3.73
CA LYS A 314 21.69 33.54 2.89
C LYS A 314 20.19 33.46 2.63
N LEU A 315 19.43 33.69 3.69
CA LEU A 315 17.97 33.66 3.63
C LEU A 315 17.44 34.81 4.46
N PRO A 316 16.16 35.19 4.26
CA PRO A 316 15.43 36.20 5.05
C PRO A 316 15.77 36.20 6.54
N LEU B 31 -34.26 -0.68 -12.63
CA LEU B 31 -32.88 -1.12 -12.53
C LEU B 31 -32.81 -2.50 -13.20
N GLU B 32 -33.74 -2.73 -14.13
CA GLU B 32 -33.82 -3.97 -14.90
C GLU B 32 -33.70 -5.20 -13.99
N LEU B 33 -34.43 -5.16 -12.88
CA LEU B 33 -34.37 -6.20 -11.84
C LEU B 33 -35.29 -7.37 -12.18
N ASP B 34 -34.70 -8.51 -12.54
CA ASP B 34 -35.44 -9.71 -12.93
C ASP B 34 -36.15 -10.32 -11.71
N GLU B 35 -37.09 -11.24 -11.99
CA GLU B 35 -37.93 -11.82 -10.95
C GLU B 35 -37.24 -12.96 -10.20
N GLN B 36 -36.64 -13.90 -10.94
CA GLN B 36 -35.86 -14.96 -10.31
C GLN B 36 -34.72 -14.39 -9.47
N GLN B 37 -34.13 -13.29 -9.91
CA GLN B 37 -33.12 -12.59 -9.12
C GLN B 37 -33.71 -11.98 -7.85
N ARG B 38 -34.86 -11.31 -7.97
CA ARG B 38 -35.47 -10.67 -6.80
C ARG B 38 -36.00 -11.67 -5.78
N LYS B 39 -36.28 -12.91 -6.20
CA LYS B 39 -36.71 -13.95 -5.28
C LYS B 39 -35.55 -14.65 -4.58
N ARG B 40 -34.35 -14.61 -5.16
CA ARG B 40 -33.16 -15.10 -4.47
C ARG B 40 -32.50 -14.02 -3.62
N LEU B 41 -32.75 -12.74 -3.91
CA LEU B 41 -32.37 -11.67 -2.99
C LEU B 41 -33.24 -11.68 -1.74
N GLU B 42 -34.56 -11.80 -1.90
CA GLU B 42 -35.45 -11.89 -0.73
C GLU B 42 -35.08 -13.06 0.16
N ALA B 43 -34.81 -14.23 -0.44
CA ALA B 43 -34.54 -15.42 0.35
C ALA B 43 -33.33 -15.23 1.25
N PHE B 44 -32.31 -14.53 0.78
CA PHE B 44 -31.08 -14.35 1.54
C PHE B 44 -31.15 -13.16 2.48
N LEU B 45 -31.97 -12.15 2.15
CA LEU B 45 -32.25 -11.08 3.10
C LEU B 45 -33.07 -11.57 4.29
N THR B 46 -34.05 -12.45 4.07
CA THR B 46 -34.81 -12.97 5.20
C THR B 46 -34.05 -14.07 5.95
N GLN B 47 -33.20 -14.82 5.24
CA GLN B 47 -32.21 -15.66 5.90
C GLN B 47 -31.15 -14.84 6.63
N LYS B 48 -30.97 -13.57 6.24
CA LYS B 48 -29.98 -12.71 6.90
C LYS B 48 -30.34 -12.49 8.36
N GLN B 49 -31.60 -12.18 8.65
CA GLN B 49 -31.99 -11.96 10.03
C GLN B 49 -32.20 -13.27 10.78
N LYS B 50 -32.42 -14.38 10.07
CA LYS B 50 -32.51 -15.67 10.75
C LYS B 50 -31.24 -15.96 11.53
N VAL B 51 -30.08 -15.63 10.98
CA VAL B 51 -28.84 -15.91 11.71
C VAL B 51 -28.57 -14.82 12.75
N GLY B 52 -28.92 -13.57 12.43
CA GLY B 52 -29.01 -12.41 13.30
C GLY B 52 -27.64 -11.84 13.57
N GLU B 53 -27.37 -11.50 14.83
CA GLU B 53 -26.09 -10.98 15.28
C GLU B 53 -25.29 -12.12 15.92
N LEU B 54 -24.11 -11.81 16.44
CA LEU B 54 -23.07 -12.82 16.37
C LEU B 54 -22.17 -12.76 17.61
N LYS B 55 -20.87 -13.00 17.45
CA LYS B 55 -19.82 -12.53 18.37
C LYS B 55 -18.42 -12.98 17.94
N ASP B 56 -18.01 -14.23 18.21
CA ASP B 56 -16.73 -14.77 17.72
C ASP B 56 -16.77 -16.29 17.66
N ASP B 57 -17.08 -16.93 18.77
CA ASP B 57 -17.02 -18.39 18.88
C ASP B 57 -18.14 -19.08 18.08
N ASP B 58 -19.02 -18.30 17.46
CA ASP B 58 -19.98 -18.82 16.49
C ASP B 58 -19.32 -19.46 15.26
N PHE B 59 -18.08 -19.08 14.93
CA PHE B 59 -17.45 -19.57 13.70
C PHE B 59 -16.47 -20.69 13.96
N GLU B 60 -16.20 -21.47 12.92
CA GLU B 60 -15.24 -22.58 12.96
C GLU B 60 -14.57 -22.78 11.60
N LYS B 61 -13.26 -23.01 11.63
CA LYS B 61 -12.44 -23.07 10.43
C LYS B 61 -12.82 -24.26 9.55
N ILE B 62 -12.55 -24.16 8.24
CA ILE B 62 -12.62 -25.34 7.38
C ILE B 62 -11.34 -25.58 6.60
N SER B 63 -10.92 -24.61 5.77
CA SER B 63 -9.74 -24.78 4.93
C SER B 63 -9.29 -23.45 4.36
N GLU B 64 -8.19 -23.48 3.60
CA GLU B 64 -7.50 -22.30 3.08
C GLU B 64 -8.05 -21.88 1.73
N LEU B 65 -8.73 -20.73 1.69
CA LEU B 65 -9.17 -20.16 0.42
C LEU B 65 -8.04 -19.39 -0.25
N GLY B 66 -7.32 -18.58 0.52
CA GLY B 66 -6.04 -18.06 0.06
C GLY B 66 -5.66 -16.80 0.82
N ALA B 67 -4.67 -16.10 0.26
CA ALA B 67 -4.12 -14.93 0.93
C ALA B 67 -3.65 -13.91 -0.10
N GLY B 68 -3.79 -12.64 0.25
CA GLY B 68 -3.29 -11.56 -0.58
C GLY B 68 -2.26 -10.69 0.11
N VAL B 72 -6.40 -12.49 4.78
CA VAL B 72 -6.67 -13.90 4.55
C VAL B 72 -8.16 -14.19 4.75
N VAL B 73 -8.69 -15.05 3.89
CA VAL B 73 -10.06 -15.51 3.97
C VAL B 73 -10.06 -17.03 4.10
N PHE B 74 -10.92 -17.54 4.97
CA PHE B 74 -11.01 -18.95 5.28
C PHE B 74 -12.46 -19.36 5.22
N LYS B 75 -12.70 -20.58 4.75
CA LYS B 75 -14.04 -21.16 4.80
C LYS B 75 -14.40 -21.53 6.23
N VAL B 76 -15.66 -21.25 6.57
CA VAL B 76 -16.13 -21.16 7.94
C VAL B 76 -17.49 -21.84 8.03
N SER B 77 -17.74 -22.50 9.15
CA SER B 77 -19.06 -22.93 9.57
C SER B 77 -19.58 -22.09 10.72
N HIS B 78 -20.78 -21.56 10.56
CA HIS B 78 -21.48 -20.82 11.58
C HIS B 78 -22.44 -21.73 12.35
N LYS B 79 -22.36 -21.71 13.69
CA LYS B 79 -22.96 -22.83 14.39
C LYS B 79 -24.43 -22.61 14.76
N PRO B 80 -24.89 -21.39 15.04
CA PRO B 80 -26.35 -21.14 15.06
C PRO B 80 -27.15 -21.52 13.82
N SER B 81 -26.72 -21.10 12.62
CA SER B 81 -27.37 -21.46 11.37
C SER B 81 -26.43 -22.30 10.52
N GLY B 82 -26.75 -23.59 10.34
CA GLY B 82 -25.82 -24.44 9.62
C GLY B 82 -25.21 -23.92 8.33
N LEU B 83 -25.77 -22.89 7.69
CA LEU B 83 -25.22 -22.41 6.43
C LEU B 83 -23.75 -22.05 6.69
N VAL B 84 -22.88 -22.41 5.77
CA VAL B 84 -21.46 -22.03 5.81
C VAL B 84 -21.18 -20.73 5.05
N MET B 85 -20.48 -19.80 5.71
CA MET B 85 -20.15 -18.48 5.19
C MET B 85 -18.63 -18.34 5.13
N ALA B 86 -18.17 -17.24 4.56
CA ALA B 86 -16.75 -16.90 4.42
C ALA B 86 -16.32 -15.69 5.24
N ARG B 87 -15.32 -15.88 6.08
CA ARG B 87 -14.79 -14.87 7.01
C ARG B 87 -13.38 -14.49 6.56
N LYS B 88 -13.17 -13.20 6.34
CA LYS B 88 -11.91 -12.59 5.91
C LYS B 88 -11.31 -11.80 7.06
N LEU B 89 -10.10 -12.18 7.49
CA LEU B 89 -9.41 -11.51 8.60
C LEU B 89 -8.22 -10.71 8.06
N ILE B 90 -8.10 -9.48 8.55
CA ILE B 90 -7.04 -8.53 8.20
C ILE B 90 -6.43 -7.93 9.45
N HIS B 91 -5.10 -7.92 9.54
CA HIS B 91 -4.39 -7.60 10.76
C HIS B 91 -4.05 -6.10 10.80
N LEU B 92 -4.68 -5.38 11.74
CA LEU B 92 -4.52 -3.92 11.88
C LEU B 92 -4.45 -3.55 13.36
N GLU B 93 -3.25 -3.45 13.91
CA GLU B 93 -3.07 -2.82 15.22
C GLU B 93 -2.97 -1.32 15.01
N ILE B 94 -4.07 -0.59 15.33
CA ILE B 94 -4.02 0.86 15.46
C ILE B 94 -5.05 1.38 16.46
N LYS B 95 -5.03 2.71 16.66
CA LYS B 95 -5.77 3.35 17.74
C LYS B 95 -7.27 3.08 17.67
N PRO B 96 -7.90 2.72 18.79
CA PRO B 96 -9.28 2.18 18.71
C PRO B 96 -10.30 3.20 18.22
N ALA B 97 -9.98 4.50 18.28
CA ALA B 97 -10.92 5.53 17.84
C ALA B 97 -11.25 5.38 16.36
N ILE B 98 -10.21 5.20 15.54
CA ILE B 98 -10.43 5.04 14.10
C ILE B 98 -10.98 3.65 13.81
N ARG B 99 -10.69 2.68 14.69
CA ARG B 99 -11.29 1.36 14.60
C ARG B 99 -12.82 1.43 14.68
N ASN B 100 -13.35 2.25 15.58
CA ASN B 100 -14.80 2.39 15.70
C ASN B 100 -15.40 3.09 14.48
N GLN B 101 -14.71 4.12 13.97
CA GLN B 101 -15.16 4.78 12.74
C GLN B 101 -15.23 3.80 11.57
N ILE B 102 -14.29 2.86 11.50
CA ILE B 102 -14.26 1.89 10.41
C ILE B 102 -15.47 0.97 10.47
N ILE B 103 -15.80 0.46 11.66
CA ILE B 103 -16.92 -0.47 11.81
C ILE B 103 -18.24 0.21 11.41
N ARG B 104 -18.43 1.46 11.79
CA ARG B 104 -19.68 2.14 11.48
C ARG B 104 -19.80 2.52 10.00
N GLU B 105 -18.69 2.81 9.32
CA GLU B 105 -18.72 3.06 7.88
C GLU B 105 -19.01 1.79 7.08
N LEU B 106 -18.56 0.64 7.57
CA LEU B 106 -18.75 -0.62 6.84
C LEU B 106 -20.17 -1.16 6.97
N GLN B 107 -20.88 -0.84 8.04
CA GLN B 107 -22.27 -1.30 8.17
C GLN B 107 -23.17 -0.84 7.03
N VAL B 108 -22.74 0.12 6.19
CA VAL B 108 -23.59 0.53 5.07
C VAL B 108 -23.76 -0.61 4.07
N LEU B 109 -22.80 -1.54 4.03
CA LEU B 109 -22.92 -2.79 3.28
C LEU B 109 -24.22 -3.55 3.52
N HIS B 110 -24.89 -3.32 4.64
CA HIS B 110 -26.19 -3.97 4.85
C HIS B 110 -27.23 -3.43 3.87
N GLU B 111 -27.07 -2.19 3.44
CA GLU B 111 -28.00 -1.61 2.47
C GLU B 111 -27.65 -2.05 1.05
N CYS B 112 -26.38 -2.38 0.80
CA CYS B 112 -25.93 -2.76 -0.53
C CYS B 112 -26.35 -4.20 -0.80
N ASN B 113 -27.33 -4.38 -1.70
CA ASN B 113 -27.84 -5.72 -2.02
C ASN B 113 -28.32 -5.70 -3.45
N SER B 114 -27.65 -6.46 -4.32
CA SER B 114 -28.02 -6.58 -5.72
C SER B 114 -27.54 -7.93 -6.21
N PRO B 115 -28.15 -8.47 -7.28
CA PRO B 115 -27.77 -9.81 -7.74
C PRO B 115 -26.33 -9.91 -8.23
N TYR B 116 -25.60 -8.80 -8.35
CA TYR B 116 -24.23 -8.83 -8.86
C TYR B 116 -23.22 -8.37 -7.82
N ILE B 117 -23.58 -8.41 -6.53
CA ILE B 117 -22.65 -8.08 -5.46
C ILE B 117 -22.83 -9.08 -4.33
N VAL B 118 -21.71 -9.65 -3.87
CA VAL B 118 -21.73 -10.78 -2.95
C VAL B 118 -22.56 -10.44 -1.72
N GLY B 119 -23.39 -11.40 -1.30
CA GLY B 119 -24.19 -11.28 -0.10
C GLY B 119 -23.35 -11.01 1.14
N PHE B 120 -23.66 -9.90 1.82
CA PHE B 120 -22.93 -9.47 2.99
C PHE B 120 -23.73 -9.83 4.23
N TYR B 121 -23.04 -10.39 5.23
CA TYR B 121 -23.71 -10.80 6.45
C TYR B 121 -23.47 -9.82 7.60
N GLY B 122 -22.21 -9.57 7.94
CA GLY B 122 -21.93 -8.68 9.06
C GLY B 122 -20.46 -8.34 9.18
N ALA B 123 -20.19 -7.33 10.01
CA ALA B 123 -18.85 -6.82 10.25
C ALA B 123 -18.65 -6.62 11.74
N PHE B 124 -17.55 -7.14 12.29
CA PHE B 124 -17.29 -6.91 13.70
C PHE B 124 -15.79 -6.90 13.96
N TYR B 125 -15.42 -6.29 15.08
CA TYR B 125 -14.05 -6.26 15.58
C TYR B 125 -13.84 -7.39 16.58
N SER B 126 -12.72 -8.09 16.46
CA SER B 126 -12.39 -9.18 17.36
C SER B 126 -10.86 -9.35 17.41
N ASP B 127 -10.28 -9.07 18.58
CA ASP B 127 -8.86 -9.35 18.86
C ASP B 127 -7.95 -8.46 17.98
N GLY B 128 -8.44 -7.26 17.66
CA GLY B 128 -7.74 -6.41 16.71
C GLY B 128 -7.52 -7.08 15.37
N GLU B 129 -8.53 -7.81 14.90
CA GLU B 129 -8.51 -8.50 13.62
C GLU B 129 -9.89 -8.31 13.00
N ILE B 130 -9.99 -7.43 12.01
CA ILE B 130 -11.27 -7.15 11.37
C ILE B 130 -11.72 -8.39 10.60
N SER B 131 -12.97 -8.79 10.79
CA SER B 131 -13.56 -9.91 10.07
C SER B 131 -14.79 -9.47 9.30
N ILE B 132 -14.85 -9.87 8.03
CA ILE B 132 -16.01 -9.66 7.16
C ILE B 132 -16.61 -11.02 6.84
N CYS B 133 -17.90 -11.19 7.11
CA CYS B 133 -18.62 -12.42 6.83
C CYS B 133 -19.49 -12.22 5.59
N MET B 134 -19.27 -13.06 4.57
CA MET B 134 -19.93 -12.88 3.29
C MET B 134 -20.40 -14.22 2.75
N GLU B 135 -21.20 -14.17 1.69
CA GLU B 135 -21.54 -15.36 0.92
C GLU B 135 -20.30 -16.19 0.63
N HIS B 136 -20.43 -17.51 0.69
CA HIS B 136 -19.41 -18.37 0.12
C HIS B 136 -19.74 -18.63 -1.35
N MET B 137 -18.73 -18.50 -2.20
CA MET B 137 -18.86 -18.69 -3.63
C MET B 137 -18.18 -19.99 -4.00
N ASP B 138 -18.95 -20.93 -4.55
CA ASP B 138 -18.49 -22.30 -4.75
C ASP B 138 -17.20 -22.37 -5.56
N GLY B 139 -17.09 -21.56 -6.62
CA GLY B 139 -15.99 -21.63 -7.55
C GLY B 139 -14.84 -20.67 -7.29
N GLY B 140 -14.92 -19.86 -6.23
CA GLY B 140 -13.82 -18.98 -5.89
C GLY B 140 -13.68 -17.80 -6.83
N SER B 141 -12.45 -17.37 -7.05
CA SER B 141 -12.16 -16.18 -7.83
C SER B 141 -11.75 -16.54 -9.25
N LEU B 142 -12.13 -15.66 -10.19
CA LEU B 142 -11.72 -15.82 -11.58
C LEU B 142 -10.21 -15.92 -11.74
N ASP B 143 -9.43 -15.46 -10.75
CA ASP B 143 -8.00 -15.77 -10.74
C ASP B 143 -7.79 -17.26 -10.60
N GLN B 144 -8.44 -17.87 -9.61
CA GLN B 144 -8.41 -19.32 -9.45
C GLN B 144 -8.97 -20.01 -10.69
N VAL B 145 -10.17 -19.60 -11.10
CA VAL B 145 -10.77 -20.08 -12.35
C VAL B 145 -9.73 -20.04 -13.46
N LEU B 146 -8.98 -18.93 -13.58
CA LEU B 146 -8.15 -18.76 -14.76
C LEU B 146 -7.02 -19.76 -14.76
N LYS B 147 -6.45 -20.04 -13.59
CA LYS B 147 -5.32 -20.95 -13.51
C LYS B 147 -5.76 -22.37 -13.88
N LYS B 148 -6.92 -22.80 -13.36
CA LYS B 148 -7.43 -24.12 -13.69
C LYS B 148 -7.92 -24.17 -15.14
N ALA B 149 -8.59 -23.11 -15.60
CA ALA B 149 -9.11 -23.06 -16.97
C ALA B 149 -8.03 -22.78 -18.01
N GLY B 150 -6.92 -22.14 -17.62
CA GLY B 150 -5.84 -21.86 -18.54
C GLY B 150 -6.17 -20.64 -19.38
N ARG B 151 -7.28 -20.70 -20.11
CA ARG B 151 -7.81 -19.60 -20.91
C ARG B 151 -9.31 -19.57 -20.73
N ILE B 152 -9.90 -18.40 -20.93
CA ILE B 152 -11.34 -18.21 -20.82
C ILE B 152 -11.91 -17.91 -22.20
N PRO B 153 -12.95 -18.61 -22.65
CA PRO B 153 -13.48 -18.39 -24.00
C PRO B 153 -14.22 -17.07 -24.11
N GLU B 154 -14.28 -16.55 -25.35
CA GLU B 154 -14.93 -15.25 -25.55
C GLU B 154 -16.40 -15.32 -25.17
N GLN B 155 -17.09 -16.40 -25.54
CA GLN B 155 -18.54 -16.52 -25.35
C GLN B 155 -18.94 -16.17 -23.92
N ILE B 156 -18.13 -16.60 -22.96
CA ILE B 156 -18.48 -16.49 -21.55
C ILE B 156 -17.98 -15.19 -20.93
N LEU B 157 -16.84 -14.68 -21.40
CA LEU B 157 -16.37 -13.37 -20.95
C LEU B 157 -17.40 -12.28 -21.22
N GLY B 158 -18.24 -12.48 -22.24
CA GLY B 158 -19.35 -11.58 -22.48
C GLY B 158 -20.30 -11.46 -21.32
N LYS B 159 -20.65 -12.59 -20.69
CA LYS B 159 -21.57 -12.57 -19.55
C LYS B 159 -20.97 -11.89 -18.32
N VAL B 160 -19.72 -12.20 -17.97
CA VAL B 160 -19.11 -11.56 -16.81
C VAL B 160 -19.03 -10.05 -17.02
N SER B 161 -18.66 -9.62 -18.23
CA SER B 161 -18.58 -8.20 -18.54
C SER B 161 -19.92 -7.50 -18.30
N ILE B 162 -21.02 -8.13 -18.73
CA ILE B 162 -22.36 -7.62 -18.46
C ILE B 162 -22.56 -7.41 -16.97
N ALA B 163 -22.21 -8.41 -16.17
CA ALA B 163 -22.42 -8.34 -14.72
C ALA B 163 -21.68 -7.16 -14.10
N VAL B 164 -20.44 -6.93 -14.53
CA VAL B 164 -19.64 -5.86 -13.93
C VAL B 164 -20.24 -4.49 -14.21
N ILE B 165 -20.63 -4.23 -15.47
CA ILE B 165 -21.17 -2.91 -15.77
C ILE B 165 -22.47 -2.68 -15.01
N LYS B 166 -23.27 -3.74 -14.84
CA LYS B 166 -24.51 -3.61 -14.10
C LYS B 166 -24.22 -3.33 -12.63
N GLY B 167 -23.30 -4.10 -12.04
CA GLY B 167 -22.86 -3.85 -10.67
C GLY B 167 -22.34 -2.43 -10.45
N LEU B 168 -21.52 -1.94 -11.37
CA LEU B 168 -20.90 -0.64 -11.19
C LEU B 168 -21.92 0.50 -11.30
N THR B 169 -22.88 0.40 -12.23
CA THR B 169 -23.91 1.43 -12.28
C THR B 169 -24.77 1.37 -11.02
N TYR B 170 -25.15 0.16 -10.60
CA TYR B 170 -25.82 -0.02 -9.31
C TYR B 170 -25.05 0.70 -8.21
N LEU B 171 -23.74 0.47 -8.15
CA LEU B 171 -22.92 1.06 -7.10
C LEU B 171 -22.84 2.58 -7.24
N ARG B 172 -22.58 3.06 -8.44
CA ARG B 172 -22.45 4.51 -8.65
C ARG B 172 -23.79 5.22 -8.44
N GLU B 173 -24.89 4.58 -8.84
CA GLU B 173 -26.18 5.25 -8.77
C GLU B 173 -26.78 5.19 -7.37
N LYS B 174 -26.73 4.02 -6.72
CA LYS B 174 -27.53 3.84 -5.51
C LYS B 174 -26.84 4.46 -4.30
N HIS B 175 -25.53 4.27 -4.12
CA HIS B 175 -24.81 4.88 -3.01
C HIS B 175 -23.75 5.88 -3.42
N LYS B 176 -23.52 6.09 -4.72
CA LYS B 176 -22.54 7.07 -5.23
C LYS B 176 -21.11 6.76 -4.82
N ILE B 177 -20.68 5.52 -5.02
CA ILE B 177 -19.30 5.12 -4.75
C ILE B 177 -18.68 4.53 -6.01
N MET B 178 -17.36 4.47 -6.03
CA MET B 178 -16.63 3.71 -7.03
C MET B 178 -15.80 2.61 -6.37
N HIS B 179 -15.41 1.62 -7.18
CA HIS B 179 -14.88 0.36 -6.65
C HIS B 179 -13.43 0.47 -6.19
N ARG B 180 -12.57 1.04 -7.03
CA ARG B 180 -11.16 1.37 -6.78
C ARG B 180 -10.21 0.16 -6.73
N ASP B 181 -10.70 -1.06 -6.90
CA ASP B 181 -9.81 -2.23 -6.81
C ASP B 181 -10.37 -3.42 -7.58
N VAL B 182 -10.55 -3.26 -8.88
CA VAL B 182 -11.10 -4.32 -9.74
C VAL B 182 -9.98 -5.21 -10.28
N LYS B 183 -10.07 -6.51 -10.02
CA LYS B 183 -9.12 -7.47 -10.59
C LYS B 183 -9.70 -8.87 -10.45
N PRO B 184 -9.19 -9.84 -11.23
CA PRO B 184 -9.79 -11.18 -11.25
C PRO B 184 -9.93 -11.89 -9.91
N SER B 185 -8.98 -11.71 -8.98
CA SER B 185 -9.09 -12.36 -7.68
C SER B 185 -10.25 -11.82 -6.83
N ASN B 186 -10.90 -10.74 -7.25
CA ASN B 186 -12.08 -10.21 -6.57
C ASN B 186 -13.36 -10.37 -7.38
N ILE B 187 -13.41 -11.30 -8.32
CA ILE B 187 -14.64 -11.68 -9.01
C ILE B 187 -14.95 -13.14 -8.69
N LEU B 188 -16.14 -13.40 -8.14
CA LEU B 188 -16.47 -14.69 -7.56
C LEU B 188 -17.70 -15.32 -8.19
N VAL B 189 -17.66 -16.65 -8.33
CA VAL B 189 -18.57 -17.45 -9.14
C VAL B 189 -19.09 -18.59 -8.26
N ASN B 190 -20.34 -19.01 -8.50
CA ASN B 190 -20.89 -20.16 -7.81
C ASN B 190 -21.51 -21.14 -8.79
N SER B 191 -21.71 -22.38 -8.31
CA SER B 191 -22.39 -23.40 -9.10
C SER B 191 -23.86 -23.06 -9.36
N ARG B 192 -24.44 -22.18 -8.55
CA ARG B 192 -25.76 -21.61 -8.80
C ARG B 192 -25.79 -20.76 -10.07
N GLY B 193 -24.64 -20.49 -10.68
CA GLY B 193 -24.57 -19.78 -11.94
C GLY B 193 -24.54 -18.26 -11.83
N GLU B 194 -24.40 -17.71 -10.62
CA GLU B 194 -24.38 -16.28 -10.43
C GLU B 194 -22.97 -15.73 -10.53
N ILE B 195 -22.87 -14.43 -10.80
CA ILE B 195 -21.60 -13.70 -10.80
C ILE B 195 -21.77 -12.49 -9.90
N LYS B 196 -20.82 -12.29 -8.98
CA LYS B 196 -20.82 -11.10 -8.12
C LYS B 196 -19.39 -10.76 -7.75
N LEU B 197 -19.18 -9.48 -7.39
CA LEU B 197 -17.87 -8.92 -7.12
C LEU B 197 -17.69 -8.62 -5.63
N CYS B 198 -16.46 -8.83 -5.14
CA CYS B 198 -16.13 -8.63 -3.74
C CYS B 198 -15.06 -7.54 -3.60
N ASP B 199 -14.87 -7.10 -2.36
CA ASP B 199 -13.78 -6.21 -1.96
C ASP B 199 -13.87 -4.83 -2.59
N PHE B 200 -15.08 -4.30 -2.84
CA PHE B 200 -15.18 -2.93 -3.32
C PHE B 200 -15.00 -1.92 -2.19
N GLY B 201 -14.63 -0.70 -2.57
CA GLY B 201 -14.21 0.32 -1.63
C GLY B 201 -15.33 1.10 -0.96
N VAL B 202 -15.93 0.57 0.10
CA VAL B 202 -17.05 1.26 0.74
C VAL B 202 -16.58 2.26 1.78
N SER B 203 -15.47 1.98 2.47
CA SER B 203 -14.98 2.78 3.57
C SER B 203 -13.76 3.58 3.14
N GLY B 204 -13.82 4.89 3.35
CA GLY B 204 -12.67 5.74 3.07
C GLY B 204 -11.57 5.59 4.09
N GLN B 205 -11.94 5.48 5.37
CA GLN B 205 -10.94 5.36 6.43
C GLN B 205 -10.10 4.09 6.25
N LEU B 206 -10.76 2.96 5.98
CA LEU B 206 -10.01 1.72 5.76
C LEU B 206 -9.08 1.83 4.56
N ILE B 207 -9.43 2.65 3.56
CA ILE B 207 -8.58 2.81 2.39
C ILE B 207 -7.31 3.59 2.76
N ASP B 208 -7.47 4.70 3.48
CA ASP B 208 -6.31 5.52 3.80
C ASP B 208 -5.43 4.86 4.87
N SER B 209 -6.03 4.03 5.72
CA SER B 209 -5.34 3.41 6.83
C SER B 209 -4.72 2.05 6.50
N MET B 210 -5.23 1.34 5.50
CA MET B 210 -4.64 0.05 5.17
C MET B 210 -4.44 -0.19 3.68
N ALA B 211 -5.54 -0.10 2.90
CA ALA B 211 -5.52 -0.56 1.52
C ALA B 211 -4.43 0.09 0.68
N ASN B 212 -4.08 1.34 0.97
CA ASN B 212 -3.12 2.05 0.13
C ASN B 212 -1.72 1.46 0.21
N SER B 213 -1.33 0.92 1.37
CA SER B 213 0.08 0.60 1.59
C SER B 213 0.57 -0.60 0.78
N PHE B 214 -0.32 -1.42 0.21
CA PHE B 214 0.10 -2.64 -0.44
C PHE B 214 0.36 -2.43 -1.93
N VAL B 215 1.40 -3.10 -2.43
CA VAL B 215 1.68 -3.20 -3.85
C VAL B 215 2.00 -4.66 -4.15
N GLY B 216 1.32 -5.23 -5.13
CA GLY B 216 1.53 -6.60 -5.52
C GLY B 216 2.55 -6.73 -6.63
N THR B 217 2.52 -7.87 -7.31
CA THR B 217 3.44 -8.15 -8.39
C THR B 217 2.86 -7.72 -9.73
N ARG B 218 1.55 -7.51 -9.78
CA ARG B 218 0.84 -6.99 -10.93
C ARG B 218 0.17 -5.68 -10.54
N SER B 219 -0.19 -4.88 -11.54
CA SER B 219 -0.93 -3.64 -11.30
C SER B 219 -2.11 -3.59 -12.25
N TYR B 220 -3.29 -3.32 -11.68
CA TYR B 220 -4.52 -3.11 -12.44
C TYR B 220 -5.00 -1.66 -12.41
N MET B 221 -4.15 -0.74 -11.98
CA MET B 221 -4.55 0.65 -11.79
C MET B 221 -4.48 1.41 -13.11
N SER B 222 -5.48 2.27 -13.33
CA SER B 222 -5.54 3.08 -14.54
C SER B 222 -4.31 3.98 -14.67
N PRO B 223 -4.01 4.45 -15.89
CA PRO B 223 -2.89 5.41 -16.06
C PRO B 223 -3.14 6.79 -15.47
N GLU B 224 -4.38 7.21 -15.26
CA GLU B 224 -4.63 8.53 -14.70
C GLU B 224 -4.66 8.53 -13.18
N ARG B 225 -4.92 7.38 -12.56
CA ARG B 225 -4.73 7.24 -11.12
C ARG B 225 -3.25 7.24 -10.76
N LEU B 226 -2.42 6.57 -11.57
CA LEU B 226 -0.99 6.45 -11.28
C LEU B 226 -0.29 7.81 -11.24
N GLN B 227 -0.75 8.77 -12.04
CA GLN B 227 -0.21 10.12 -11.99
C GLN B 227 -0.97 11.01 -11.02
N GLY B 228 -1.92 10.45 -10.27
CA GLY B 228 -2.49 11.10 -9.11
C GLY B 228 -3.46 12.23 -9.35
N THR B 229 -4.04 12.32 -10.56
CA THR B 229 -5.12 13.27 -10.76
C THR B 229 -6.38 12.78 -10.07
N HIS B 230 -7.44 13.58 -10.08
CA HIS B 230 -8.73 13.07 -9.66
C HIS B 230 -9.18 12.02 -10.65
N TYR B 231 -9.60 10.86 -10.14
CA TYR B 231 -10.14 9.80 -10.97
C TYR B 231 -11.61 9.59 -10.66
N SER B 232 -12.26 8.80 -11.50
CA SER B 232 -13.69 8.53 -11.38
C SER B 232 -13.89 7.06 -11.68
N VAL B 233 -15.15 6.66 -11.88
CA VAL B 233 -15.41 5.30 -12.31
C VAL B 233 -14.71 4.99 -13.62
N GLN B 234 -14.31 6.04 -14.36
CA GLN B 234 -13.50 5.84 -15.56
C GLN B 234 -12.31 4.94 -15.28
N SER B 235 -11.61 5.21 -14.18
CA SER B 235 -10.49 4.38 -13.75
C SER B 235 -10.90 2.92 -13.61
N ASP B 236 -12.13 2.68 -13.17
CA ASP B 236 -12.63 1.31 -13.01
C ASP B 236 -12.88 0.65 -14.36
N ILE B 237 -13.35 1.41 -15.34
CA ILE B 237 -13.50 0.88 -16.70
C ILE B 237 -12.18 0.32 -17.20
N TRP B 238 -11.08 1.05 -16.97
CA TRP B 238 -9.77 0.57 -17.39
C TRP B 238 -9.42 -0.76 -16.74
N SER B 239 -9.63 -0.85 -15.43
CA SER B 239 -9.34 -2.08 -14.70
C SER B 239 -10.08 -3.27 -15.31
N MET B 240 -11.38 -3.11 -15.55
CA MET B 240 -12.15 -4.17 -16.17
C MET B 240 -11.56 -4.57 -17.52
N GLY B 241 -11.12 -3.59 -18.32
CA GLY B 241 -10.55 -3.91 -19.63
C GLY B 241 -9.27 -4.70 -19.53
N LEU B 242 -8.34 -4.27 -18.67
CA LEU B 242 -7.08 -4.99 -18.49
C LEU B 242 -7.32 -6.39 -17.96
N SER B 243 -8.29 -6.56 -17.07
CA SER B 243 -8.63 -7.87 -16.54
C SER B 243 -9.16 -8.80 -17.62
N LEU B 244 -9.98 -8.24 -18.53
CA LEU B 244 -10.56 -9.03 -19.61
C LEU B 244 -9.50 -9.57 -20.57
N VAL B 245 -8.50 -8.75 -20.91
CA VAL B 245 -7.39 -9.24 -21.72
C VAL B 245 -6.71 -10.43 -21.05
N GLU B 246 -6.38 -10.28 -19.76
CA GLU B 246 -5.64 -11.33 -19.05
C GLU B 246 -6.39 -12.65 -19.12
N MET B 247 -7.69 -12.64 -18.81
CA MET B 247 -8.49 -13.85 -18.84
C MET B 247 -8.65 -14.40 -20.25
N ALA B 248 -8.69 -13.54 -21.27
CA ALA B 248 -8.95 -14.03 -22.62
C ALA B 248 -7.75 -14.77 -23.20
N VAL B 249 -6.52 -14.39 -22.83
CA VAL B 249 -5.32 -15.03 -23.36
C VAL B 249 -4.57 -15.86 -22.31
N GLY B 250 -4.99 -15.82 -21.05
CA GLY B 250 -4.40 -16.65 -20.03
C GLY B 250 -3.09 -16.14 -19.45
N ARG B 251 -2.64 -14.95 -19.86
CA ARG B 251 -1.38 -14.38 -19.42
C ARG B 251 -1.66 -12.95 -19.00
N TYR B 252 -1.02 -12.49 -17.93
CA TYR B 252 -1.08 -11.08 -17.58
C TYR B 252 -0.51 -10.25 -18.73
N PRO B 253 -1.26 -9.26 -19.25
CA PRO B 253 -0.99 -8.78 -20.61
C PRO B 253 0.19 -7.82 -20.77
N ILE B 254 0.61 -7.10 -19.74
CA ILE B 254 1.74 -6.19 -19.84
C ILE B 254 2.93 -6.76 -19.07
N PRO B 255 4.15 -6.76 -19.64
CA PRO B 255 4.37 -6.24 -20.99
C PRO B 255 3.85 -7.25 -22.03
N PRO B 256 3.44 -6.75 -23.19
CA PRO B 256 2.82 -7.61 -24.21
C PRO B 256 3.67 -8.82 -24.54
N PRO B 257 3.02 -9.97 -24.75
CA PRO B 257 3.76 -11.21 -25.04
C PRO B 257 4.58 -11.05 -26.32
N ASP B 258 5.65 -11.83 -26.41
CA ASP B 258 6.43 -11.81 -27.64
C ASP B 258 5.58 -12.35 -28.80
N ALA B 259 6.00 -12.00 -30.02
CA ALA B 259 5.20 -12.28 -31.20
C ALA B 259 4.96 -13.77 -31.43
N LYS B 260 6.01 -14.58 -31.31
CA LYS B 260 5.79 -16.02 -31.46
C LYS B 260 5.20 -16.65 -30.20
N GLU B 261 5.47 -16.08 -29.03
CA GLU B 261 4.84 -16.55 -27.81
C GLU B 261 3.31 -16.46 -27.87
N LEU B 262 2.79 -15.42 -28.54
CA LEU B 262 1.33 -15.27 -28.61
C LEU B 262 0.66 -16.39 -29.39
N GLU B 263 1.27 -16.84 -30.48
CA GLU B 263 0.60 -17.87 -31.28
C GLU B 263 0.54 -19.19 -30.55
N LEU B 264 1.63 -19.55 -29.84
CA LEU B 264 1.64 -20.78 -29.05
C LEU B 264 0.50 -20.82 -28.05
N MET B 265 0.33 -19.74 -27.29
CA MET B 265 -0.77 -19.65 -26.32
C MET B 265 -2.12 -19.67 -27.02
N PRO B 298 10.42 -11.43 -15.03
CA PRO B 298 11.59 -10.80 -14.39
C PRO B 298 11.64 -9.29 -14.61
N MET B 299 10.74 -8.56 -13.98
CA MET B 299 10.64 -7.11 -14.18
C MET B 299 10.19 -6.45 -12.87
N ALA B 300 10.88 -5.38 -12.48
CA ALA B 300 10.57 -4.71 -11.23
C ALA B 300 9.33 -3.82 -11.39
N ILE B 301 8.72 -3.50 -10.24
CA ILE B 301 7.37 -2.92 -10.25
C ILE B 301 7.33 -1.54 -10.91
N PHE B 302 8.39 -0.73 -10.79
CA PHE B 302 8.32 0.61 -11.38
C PHE B 302 8.34 0.53 -12.91
N GLU B 303 9.09 -0.42 -13.47
CA GLU B 303 9.12 -0.54 -14.93
C GLU B 303 7.76 -0.96 -15.45
N LEU B 304 7.01 -1.73 -14.65
CA LEU B 304 5.63 -2.04 -14.97
C LEU B 304 4.79 -0.76 -15.03
N LEU B 305 4.87 0.06 -13.98
CA LEU B 305 4.05 1.27 -13.92
C LEU B 305 4.40 2.26 -15.02
N ASP B 306 5.68 2.35 -15.37
CA ASP B 306 6.12 3.29 -16.40
C ASP B 306 5.69 2.84 -17.78
N TYR B 307 5.64 1.52 -18.01
CA TYR B 307 5.05 1.00 -19.23
C TYR B 307 3.59 1.42 -19.37
N ILE B 308 2.78 1.15 -18.34
CA ILE B 308 1.36 1.50 -18.37
C ILE B 308 1.16 2.98 -18.70
N VAL B 309 1.99 3.85 -18.12
CA VAL B 309 1.77 5.28 -18.32
C VAL B 309 2.32 5.77 -19.67
N ASN B 310 3.39 5.15 -20.19
CA ASN B 310 4.11 5.76 -21.30
C ASN B 310 4.13 4.88 -22.56
N GLU B 311 3.35 3.83 -22.61
CA GLU B 311 3.36 2.92 -23.75
C GLU B 311 1.94 2.66 -24.21
N PRO B 312 1.76 2.14 -25.41
CA PRO B 312 0.41 1.76 -25.86
C PRO B 312 -0.24 0.73 -24.95
N PRO B 313 -1.56 0.68 -24.93
CA PRO B 313 -2.27 -0.27 -24.07
C PRO B 313 -2.34 -1.64 -24.73
N PRO B 314 -2.61 -2.69 -23.95
CA PRO B 314 -2.80 -4.03 -24.54
C PRO B 314 -3.96 -4.05 -25.53
N LYS B 315 -3.95 -5.07 -26.39
CA LYS B 315 -5.09 -5.32 -27.26
C LYS B 315 -5.22 -6.82 -27.45
N LEU B 316 -6.46 -7.27 -27.70
CA LEU B 316 -6.70 -8.67 -27.97
C LEU B 316 -6.12 -9.06 -29.32
N PRO B 317 -5.68 -10.32 -29.47
CA PRO B 317 -5.20 -10.76 -30.79
C PRO B 317 -6.31 -10.75 -31.83
N SER B 318 -5.94 -10.38 -33.06
CA SER B 318 -6.93 -10.07 -34.08
C SER B 318 -7.43 -11.30 -34.82
N ALA B 319 -6.70 -12.40 -34.77
CA ALA B 319 -7.09 -13.60 -35.51
C ALA B 319 -8.19 -14.41 -34.83
N VAL B 320 -8.37 -14.28 -33.52
CA VAL B 320 -9.11 -15.26 -32.74
C VAL B 320 -10.46 -14.72 -32.28
N PHE B 321 -10.54 -13.43 -31.96
CA PHE B 321 -11.75 -12.87 -31.36
C PHE B 321 -12.45 -11.91 -32.31
N SER B 322 -13.77 -11.82 -32.17
CA SER B 322 -14.59 -10.99 -33.04
C SER B 322 -14.26 -9.51 -32.87
N LEU B 323 -14.69 -8.71 -33.85
CA LEU B 323 -14.56 -7.25 -33.74
C LEU B 323 -15.23 -6.72 -32.49
N GLU B 324 -16.45 -7.19 -32.21
CA GLU B 324 -17.21 -6.61 -31.11
C GLU B 324 -16.47 -6.78 -29.80
N PHE B 325 -15.83 -7.93 -29.61
CA PHE B 325 -14.99 -8.13 -28.43
C PHE B 325 -13.75 -7.24 -28.48
N GLN B 326 -13.00 -7.31 -29.59
CA GLN B 326 -11.83 -6.46 -29.75
C GLN B 326 -12.15 -4.97 -29.55
N ASP B 327 -13.30 -4.52 -30.05
CA ASP B 327 -13.65 -3.12 -29.95
C ASP B 327 -14.07 -2.75 -28.53
N PHE B 328 -14.78 -3.66 -27.85
CA PHE B 328 -15.15 -3.45 -26.45
C PHE B 328 -13.92 -3.17 -25.59
N VAL B 329 -12.88 -4.02 -25.68
CA VAL B 329 -11.74 -3.83 -24.81
C VAL B 329 -10.92 -2.61 -25.24
N ASN B 330 -10.84 -2.34 -26.56
CA ASN B 330 -10.12 -1.16 -27.03
C ASN B 330 -10.72 0.13 -26.46
N LYS B 331 -12.05 0.18 -26.32
CA LYS B 331 -12.67 1.37 -25.76
C LYS B 331 -12.47 1.44 -24.25
N CYS B 332 -12.42 0.28 -23.58
CA CYS B 332 -12.12 0.27 -22.15
C CYS B 332 -10.70 0.74 -21.86
N LEU B 333 -9.76 0.51 -22.78
CA LEU B 333 -8.34 0.70 -22.51
C LEU B 333 -7.78 2.01 -23.08
N ILE B 334 -8.65 2.96 -23.46
CA ILE B 334 -8.15 4.26 -23.89
C ILE B 334 -7.48 4.94 -22.71
N LYS B 335 -6.29 5.50 -22.93
CA LYS B 335 -5.55 6.11 -21.83
C LYS B 335 -6.26 7.32 -21.25
N ASN B 336 -6.76 8.20 -22.11
CA ASN B 336 -7.45 9.40 -21.63
C ASN B 336 -8.83 9.00 -21.11
N PRO B 337 -9.11 9.10 -19.80
CA PRO B 337 -10.43 8.69 -19.30
C PRO B 337 -11.59 9.49 -19.88
N ALA B 338 -11.33 10.69 -20.42
CA ALA B 338 -12.40 11.45 -21.06
C ALA B 338 -12.95 10.74 -22.29
N GLU B 339 -12.07 10.14 -23.09
CA GLU B 339 -12.49 9.45 -24.32
C GLU B 339 -12.87 8.01 -24.08
N ARG B 340 -12.38 7.40 -23.00
CA ARG B 340 -12.81 6.07 -22.62
C ARG B 340 -14.32 6.06 -22.41
N ALA B 341 -14.94 4.93 -22.77
CA ALA B 341 -16.37 4.75 -22.57
C ALA B 341 -16.76 4.85 -21.11
N ASP B 342 -17.94 5.40 -20.85
CA ASP B 342 -18.52 5.33 -19.51
C ASP B 342 -19.44 4.12 -19.47
N LEU B 343 -20.27 4.01 -18.44
CA LEU B 343 -21.08 2.79 -18.34
C LEU B 343 -22.33 2.87 -19.20
N LYS B 344 -22.95 4.06 -19.28
CA LYS B 344 -24.08 4.26 -20.18
C LYS B 344 -23.69 3.86 -21.61
N GLN B 345 -22.54 4.32 -22.09
CA GLN B 345 -22.09 3.97 -23.44
C GLN B 345 -21.78 2.49 -23.54
N LEU B 346 -21.22 1.90 -22.48
CA LEU B 346 -20.79 0.50 -22.56
C LEU B 346 -21.99 -0.45 -22.53
N MET B 347 -23.06 -0.06 -21.82
CA MET B 347 -24.22 -0.93 -21.73
C MET B 347 -24.92 -1.11 -23.07
N VAL B 348 -24.82 -0.11 -23.95
CA VAL B 348 -25.46 -0.17 -25.25
C VAL B 348 -24.49 -0.57 -26.36
N HIS B 349 -23.31 -1.07 -26.00
CA HIS B 349 -22.32 -1.42 -27.02
C HIS B 349 -22.70 -2.74 -27.69
N ALA B 350 -22.29 -2.87 -28.96
CA ALA B 350 -22.61 -4.05 -29.75
C ALA B 350 -22.31 -5.35 -29.02
N PHE B 351 -21.09 -5.47 -28.47
CA PHE B 351 -20.68 -6.67 -27.76
C PHE B 351 -21.60 -6.99 -26.59
N ILE B 352 -22.14 -5.98 -25.92
CA ILE B 352 -23.03 -6.18 -24.78
C ILE B 352 -24.39 -6.68 -25.24
N LYS B 353 -24.99 -6.00 -26.23
CA LYS B 353 -26.28 -6.43 -26.77
C LYS B 353 -26.24 -7.89 -27.23
N ARG B 354 -25.14 -8.31 -27.85
CA ARG B 354 -25.00 -9.70 -28.25
C ARG B 354 -25.10 -10.63 -27.04
N SER B 355 -24.15 -10.52 -26.11
CA SER B 355 -24.04 -11.49 -25.03
C SER B 355 -25.25 -11.48 -24.10
N ASP B 356 -25.87 -10.32 -23.91
CA ASP B 356 -27.05 -10.24 -23.04
C ASP B 356 -28.19 -11.10 -23.58
N ALA B 357 -28.34 -11.13 -24.90
CA ALA B 357 -29.40 -11.88 -25.58
C ALA B 357 -28.99 -13.32 -25.90
N GLU B 358 -27.76 -13.73 -25.61
CA GLU B 358 -27.34 -15.08 -25.93
C GLU B 358 -27.90 -16.10 -24.93
N GLU B 359 -27.51 -17.36 -25.13
CA GLU B 359 -27.95 -18.51 -24.34
C GLU B 359 -26.72 -19.32 -23.95
N VAL B 360 -26.15 -19.03 -22.78
CA VAL B 360 -25.10 -19.85 -22.20
C VAL B 360 -25.61 -20.46 -20.89
N ASP B 361 -25.32 -21.76 -20.72
CA ASP B 361 -25.51 -22.45 -19.45
C ASP B 361 -24.20 -22.33 -18.68
N PHE B 362 -24.14 -21.36 -17.77
CA PHE B 362 -22.90 -21.07 -17.05
C PHE B 362 -22.57 -22.18 -16.06
N ALA B 363 -23.54 -22.59 -15.24
CA ALA B 363 -23.30 -23.60 -14.21
C ALA B 363 -22.61 -24.83 -14.77
N GLY B 364 -22.97 -25.24 -15.98
CA GLY B 364 -22.34 -26.40 -16.59
C GLY B 364 -20.87 -26.19 -16.91
N TRP B 365 -20.54 -25.07 -17.55
CA TRP B 365 -19.14 -24.72 -17.78
C TRP B 365 -18.33 -24.74 -16.49
N LEU B 366 -18.82 -24.07 -15.46
CA LEU B 366 -18.07 -23.94 -14.21
C LEU B 366 -17.78 -25.31 -13.60
N CYS B 367 -18.81 -26.13 -13.44
CA CYS B 367 -18.66 -27.40 -12.75
C CYS B 367 -17.78 -28.38 -13.54
N SER B 368 -17.81 -28.33 -14.88
CA SER B 368 -16.91 -29.18 -15.65
C SER B 368 -15.50 -28.63 -15.80
N THR B 369 -15.30 -27.31 -15.61
CA THR B 369 -13.95 -26.79 -15.57
C THR B 369 -13.20 -27.27 -14.33
N ILE B 370 -13.85 -27.23 -13.18
CA ILE B 370 -13.18 -27.39 -11.89
C ILE B 370 -13.53 -28.70 -11.19
N GLY B 371 -14.64 -29.36 -11.55
CA GLY B 371 -15.10 -30.53 -10.84
C GLY B 371 -15.96 -30.34 -9.60
N LEU B 372 -17.03 -29.56 -9.74
CA LEU B 372 -18.07 -29.41 -8.71
C LEU B 372 -19.36 -30.04 -9.21
N ASN B 373 -20.44 -29.86 -8.43
CA ASN B 373 -21.76 -30.37 -8.79
C ASN B 373 -22.85 -29.54 -8.10
#